data_6QZ3
#
_entry.id   6QZ3
#
_cell.length_a   77.368
_cell.length_b   89.016
_cell.length_c   91.643
_cell.angle_alpha   90.00
_cell.angle_beta   90.00
_cell.angle_gamma   90.00
#
_symmetry.space_group_name_H-M   'P 2 21 21'
#
loop_
_entity.id
_entity.type
_entity.pdbx_description
1 polymer 'Mono(2-hydroxyethyl) terephthalate hydrolase'
2 non-polymer 'BENZOIC ACID'
3 non-polymer 'CALCIUM ION'
4 water water
#
_entity_poly.entity_id   1
_entity_poly.type   'polypeptide(L)'
_entity_poly.pdbx_seq_one_letter_code
;(MSE)QTTVTT(MSE)LLASVALAACAGGGSTPLPLPQQQPPQQEPPPPPVPLASRAACEALKDGNGD(MSE)VWPNAAT
VVEVAAWRDAAPATASAAALPEHCEVSGAIAKRTGIDGYPYEIKFRLR(MSE)PAEWNGRFF(MSE)EGGSGTNGSLSAA
TGSIGGGQIASALSRNFATIATDGGHDNAVNDNPDALGTVAFGLDPQARLD(MSE)GYNSYDQVTQAGKAAVARFYGRAA
DKSYFIGCSEGGREG(MSE)(MSE)LSQRFPSHYDGIVAGAPGYQLPKAGISGAWTTQSLAPAAVGLDAQGVPLINKSFS
DADLHLLSQAILGTCDALDGLADGIVDNYRACQAAFDPATAANPANGQALQCVGAKTADCLSPVQVTAIKRA(MSE)AGP
VNSAGTPLYNRWAWDAG(MSE)SGLSGTTYNQGWRSWWLGSFNSSANNAQRVSGFSARSWLVDFATPPEP(MSE)P
(MSE)TQVAAR(MSE)(MSE)KFDFDIDPLKIWATSGQFTQSS(MSE)DWHGATSTDLAAFRDRGGK(MSE)ILYHG
(MSE)SDAAFSALDTADYYERLGAA(MSE)PGAAGFARLFLVPG(MSE)NHCSGGPGTDRFD(MSE)LTPLVAWVERGEA
PDQISAWSGTPGYFGVAARTRPLCPYPQIARYKGSGDINTEANFACAAPPLEHHHHHH
;
_entity_poly.pdbx_strand_id   A
#
loop_
_chem_comp.id
_chem_comp.type
_chem_comp.name
_chem_comp.formula
BEZ non-polymer 'BENZOIC ACID' 'C7 H6 O2'
CA non-polymer 'CALCIUM ION' 'Ca 2'
#
# COMPACT_ATOMS: atom_id res chain seq x y z
N PRO A 40 -12.42 34.81 17.43
CA PRO A 40 -11.71 33.86 18.29
C PRO A 40 -11.98 34.10 19.77
N PRO A 41 -12.13 33.03 20.54
CA PRO A 41 -12.41 33.17 21.97
C PRO A 41 -11.27 33.87 22.68
N PRO A 42 -11.57 34.76 23.62
CA PRO A 42 -10.51 35.45 24.38
C PRO A 42 -9.93 34.57 25.48
N VAL A 43 -9.36 33.45 25.05
CA VAL A 43 -8.76 32.48 25.98
C VAL A 43 -7.32 32.26 25.55
N PRO A 44 -6.48 31.73 26.44
CA PRO A 44 -5.09 31.45 26.05
C PRO A 44 -5.01 30.41 24.95
N LEU A 45 -4.07 30.60 24.04
CA LEU A 45 -3.87 29.67 22.94
C LEU A 45 -3.25 28.37 23.46
N ALA A 46 -3.44 27.31 22.67
CA ALA A 46 -2.79 26.02 22.90
C ALA A 46 -3.03 25.51 24.32
N SER A 47 -4.27 25.63 24.78
CA SER A 47 -4.63 25.34 26.16
C SER A 47 -5.92 24.53 26.19
N ARG A 48 -6.22 24.00 27.38
CA ARG A 48 -7.49 23.30 27.58
C ARG A 48 -8.67 24.20 27.23
N ALA A 49 -8.57 25.49 27.55
CA ALA A 49 -9.64 26.42 27.24
C ALA A 49 -9.82 26.55 25.73
N ALA A 50 -8.72 26.71 24.99
CA ALA A 50 -8.81 26.81 23.54
C ALA A 50 -9.29 25.50 22.93
N CYS A 51 -8.93 24.37 23.55
CA CYS A 51 -9.38 23.08 23.07
C CYS A 51 -10.89 22.94 23.18
N GLU A 52 -11.43 23.18 24.38
CA GLU A 52 -12.86 22.97 24.60
C GLU A 52 -13.71 23.97 23.83
N ALA A 53 -13.15 25.15 23.53
CA ALA A 53 -13.88 26.14 22.75
C ALA A 53 -14.08 25.73 21.29
N LEU A 54 -13.38 24.68 20.84
CA LEU A 54 -13.58 24.21 19.47
C LEU A 54 -14.89 23.46 19.29
N LYS A 55 -15.54 23.05 20.37
CA LYS A 55 -16.78 22.29 20.28
C LYS A 55 -17.96 23.21 19.98
N VAL A 62 -16.20 28.86 12.56
CA VAL A 62 -15.82 29.20 11.20
C VAL A 62 -15.08 28.03 10.58
N TRP A 63 -15.78 26.90 10.48
CA TRP A 63 -15.21 25.75 9.80
C TRP A 63 -15.32 25.95 8.29
N PRO A 64 -14.32 25.48 7.53
CA PRO A 64 -14.41 25.60 6.06
C PRO A 64 -15.66 24.97 5.48
N ASN A 65 -16.13 23.86 6.06
CA ASN A 65 -17.37 23.22 5.66
C ASN A 65 -18.41 23.50 6.73
N ALA A 66 -19.51 24.15 6.32
CA ALA A 66 -20.57 24.50 7.27
C ALA A 66 -21.20 23.29 7.93
N ALA A 67 -21.04 22.10 7.34
CA ALA A 67 -21.61 20.88 7.89
C ALA A 67 -20.61 20.11 8.75
N THR A 68 -19.73 20.83 9.45
CA THR A 68 -18.79 20.22 10.38
C THR A 68 -19.38 20.18 11.78
N VAL A 69 -19.44 19.00 12.38
CA VAL A 69 -19.97 18.80 13.72
C VAL A 69 -18.88 18.23 14.60
N VAL A 70 -18.50 18.97 15.65
CA VAL A 70 -17.51 18.52 16.61
C VAL A 70 -18.22 17.77 17.72
N GLU A 71 -17.84 16.51 17.92
CA GLU A 71 -18.45 15.71 18.97
C GLU A 71 -17.58 15.59 20.22
N VAL A 72 -16.26 15.66 20.07
CA VAL A 72 -15.33 15.58 21.18
C VAL A 72 -14.30 16.69 21.04
N ALA A 73 -14.04 17.41 22.13
CA ALA A 73 -12.95 18.39 22.20
C ALA A 73 -12.43 18.29 23.63
N ALA A 74 -11.44 17.42 23.86
CA ALA A 74 -11.05 17.02 25.19
C ALA A 74 -9.55 17.18 25.39
N TRP A 75 -9.17 17.66 26.57
CA TRP A 75 -7.77 17.80 26.94
C TRP A 75 -7.24 16.47 27.44
N ARG A 76 -6.11 16.03 26.89
CA ARG A 76 -5.51 14.74 27.21
C ARG A 76 -4.18 14.97 27.89
N ASP A 77 -4.02 14.39 29.09
CA ASP A 77 -2.73 14.41 29.76
C ASP A 77 -1.70 13.59 28.99
N ALA A 78 -0.43 13.90 29.23
CA ALA A 78 0.65 13.12 28.63
C ALA A 78 0.49 11.65 29.00
N ALA A 79 0.70 10.79 28.00
CA ALA A 79 0.53 9.36 28.19
C ALA A 79 1.88 8.65 28.06
N PRO A 80 2.17 7.70 28.93
CA PRO A 80 3.47 7.02 28.87
C PRO A 80 3.59 6.12 27.64
N ALA A 81 4.84 5.81 27.30
CA ALA A 81 5.10 4.83 26.26
C ALA A 81 4.57 3.46 26.66
N THR A 82 4.21 2.67 25.66
CA THR A 82 3.80 1.28 25.82
C THR A 82 4.70 0.40 24.97
N ALA A 83 4.45 -0.91 25.02
CA ALA A 83 5.22 -1.85 24.22
C ALA A 83 5.09 -1.58 22.73
N SER A 84 4.00 -0.94 22.29
CA SER A 84 3.75 -0.74 20.87
C SER A 84 3.64 0.72 20.45
N ALA A 85 3.81 1.67 21.37
CA ALA A 85 3.62 3.07 21.03
C ALA A 85 4.54 3.94 21.87
N ALA A 86 5.11 4.97 21.23
CA ALA A 86 5.90 5.94 21.97
C ALA A 86 4.99 6.82 22.82
N ALA A 87 5.60 7.50 23.80
CA ALA A 87 4.84 8.35 24.70
C ALA A 87 4.17 9.49 23.93
N LEU A 88 2.96 9.85 24.37
CA LEU A 88 2.19 10.90 23.74
C LEU A 88 2.17 12.14 24.61
N PRO A 89 2.53 13.30 24.09
CA PRO A 89 2.52 14.52 24.91
C PRO A 89 1.10 14.97 25.21
N GLU A 90 1.01 15.85 26.20
CA GLU A 90 -0.25 16.54 26.52
C GLU A 90 -0.80 17.21 25.26
N HIS A 91 -2.08 17.03 24.99
CA HIS A 91 -2.62 17.50 23.73
C HIS A 91 -4.14 17.67 23.81
N CYS A 92 -4.66 18.39 22.82
CA CYS A 92 -6.09 18.52 22.58
C CYS A 92 -6.52 17.47 21.56
N GLU A 93 -7.56 16.69 21.90
CA GLU A 93 -8.13 15.73 20.97
C GLU A 93 -9.48 16.25 20.49
N VAL A 94 -9.63 16.35 19.18
CA VAL A 94 -10.88 16.79 18.56
C VAL A 94 -11.34 15.71 17.61
N SER A 95 -12.60 15.30 17.72
CA SER A 95 -13.17 14.35 16.77
C SER A 95 -14.57 14.79 16.40
N GLY A 96 -14.98 14.42 15.19
CA GLY A 96 -16.30 14.80 14.73
C GLY A 96 -16.56 14.25 13.34
N ALA A 97 -17.49 14.89 12.65
CA ALA A 97 -17.88 14.42 11.33
C ALA A 97 -18.25 15.60 10.44
N ILE A 98 -18.06 15.41 9.14
CA ILE A 98 -18.36 16.42 8.13
C ILE A 98 -19.40 15.84 7.18
N ALA A 99 -20.42 16.64 6.85
CA ALA A 99 -21.39 16.33 5.80
C ALA A 99 -22.17 15.05 6.09
N LYS A 100 -22.76 15.00 7.29
CA LYS A 100 -23.69 13.91 7.60
C LYS A 100 -24.88 13.97 6.65
N ARG A 101 -25.28 12.80 6.16
CA ARG A 101 -26.28 12.72 5.09
C ARG A 101 -26.79 11.29 5.00
N THR A 102 -27.75 11.09 4.10
CA THR A 102 -28.27 9.76 3.78
C THR A 102 -27.98 9.47 2.31
N GLY A 103 -27.38 8.30 2.05
CA GLY A 103 -27.07 7.94 0.69
C GLY A 103 -28.30 7.47 -0.08
N ILE A 104 -28.13 7.34 -1.39
CA ILE A 104 -29.21 6.84 -2.24
C ILE A 104 -29.57 5.40 -1.90
N ASP A 105 -28.73 4.71 -1.14
CA ASP A 105 -29.00 3.35 -0.67
C ASP A 105 -29.75 3.33 0.65
N GLY A 106 -30.09 4.49 1.20
CA GLY A 106 -30.77 4.55 2.49
C GLY A 106 -29.86 4.46 3.69
N TYR A 107 -28.54 4.32 3.50
CA TYR A 107 -27.62 4.23 4.62
C TYR A 107 -27.10 5.60 5.01
N PRO A 108 -26.74 5.80 6.27
CA PRO A 108 -26.11 7.06 6.68
C PRO A 108 -24.65 7.10 6.27
N TYR A 109 -24.20 8.30 5.94
CA TYR A 109 -22.81 8.54 5.57
C TYR A 109 -22.34 9.85 6.20
N GLU A 110 -21.06 9.88 6.58
CA GLU A 110 -20.41 11.09 7.06
C GLU A 110 -18.91 10.88 6.94
N ILE A 111 -18.19 11.99 6.94
CA ILE A 111 -16.73 11.96 6.90
C ILE A 111 -16.24 12.19 8.33
N LYS A 112 -15.80 11.12 8.99
CA LYS A 112 -15.31 11.22 10.35
C LYS A 112 -13.86 11.68 10.35
N PHE A 113 -13.49 12.42 11.40
CA PHE A 113 -12.11 12.84 11.57
C PHE A 113 -11.76 12.82 13.06
N ARG A 114 -10.47 12.63 13.33
CA ARG A 114 -9.93 12.77 14.67
C ARG A 114 -8.60 13.50 14.54
N LEU A 115 -8.42 14.51 15.39
CA LEU A 115 -7.28 15.43 15.30
C LEU A 115 -6.67 15.56 16.69
N ARG A 116 -5.35 15.59 16.76
CA ARG A 116 -4.64 15.75 18.03
C ARG A 116 -3.63 16.87 17.90
N MSE A 117 -3.71 17.84 18.81
CA MSE A 117 -2.83 19.00 18.75
C MSE A 117 -2.09 19.17 20.07
O MSE A 117 -2.69 19.48 21.09
CB MSE A 117 -3.64 20.26 18.41
CG MSE A 117 -4.32 20.20 17.05
SE MSE A 117 -5.48 21.75 16.71
CE MSE A 117 -6.84 21.36 18.05
N PRO A 118 -0.77 18.96 20.05
CA PRO A 118 -0.01 18.98 21.31
C PRO A 118 0.12 20.40 21.85
N ALA A 119 0.14 20.48 23.18
CA ALA A 119 0.33 21.78 23.83
C ALA A 119 1.70 22.34 23.50
N GLU A 120 2.72 21.48 23.44
CA GLU A 120 4.05 21.84 22.96
C GLU A 120 4.14 21.39 21.50
N TRP A 121 4.11 22.35 20.58
CA TRP A 121 3.92 22.08 19.16
C TRP A 121 5.16 22.51 18.38
N ASN A 122 5.56 21.68 17.41
CA ASN A 122 6.73 21.99 16.58
C ASN A 122 6.37 22.79 15.33
N GLY A 123 5.13 23.26 15.21
CA GLY A 123 4.73 24.04 14.07
C GLY A 123 4.42 23.26 12.82
N ARG A 124 4.36 21.93 12.89
CA ARG A 124 4.14 21.09 11.73
C ARG A 124 2.80 20.37 11.83
N PHE A 125 2.16 20.18 10.68
CA PHE A 125 0.88 19.50 10.55
C PHE A 125 1.10 18.18 9.83
N PHE A 126 0.39 17.14 10.26
CA PHE A 126 0.64 15.79 9.78
C PHE A 126 -0.68 15.05 9.58
N MSE A 127 -0.85 14.46 8.39
CA MSE A 127 -2.00 13.57 8.18
C MSE A 127 -1.51 12.18 7.82
O MSE A 127 -0.61 12.02 7.00
CB MSE A 127 -2.91 14.10 7.07
CG MSE A 127 -4.05 13.16 6.77
SE MSE A 127 -5.46 13.94 5.67
CE MSE A 127 -6.82 12.56 5.88
N GLU A 128 -2.10 11.17 8.44
CA GLU A 128 -1.82 9.78 8.11
C GLU A 128 -2.83 9.27 7.09
N GLY A 129 -2.36 8.43 6.18
CA GLY A 129 -3.22 7.82 5.18
C GLY A 129 -3.98 6.61 5.71
N GLY A 130 -4.78 6.04 4.82
CA GLY A 130 -5.67 4.95 5.16
C GLY A 130 -5.11 3.58 4.78
N SER A 131 -6.01 2.60 4.71
CA SER A 131 -5.64 1.23 4.42
C SER A 131 -6.88 0.47 4.00
N GLY A 132 -6.69 -0.53 3.14
CA GLY A 132 -7.80 -1.33 2.68
C GLY A 132 -8.82 -0.48 1.96
N THR A 133 -10.10 -0.68 2.32
CA THR A 133 -11.18 0.15 1.83
C THR A 133 -11.57 1.23 2.84
N ASN A 134 -10.68 1.55 3.76
CA ASN A 134 -10.90 2.56 4.81
C ASN A 134 -12.13 2.15 5.62
N GLY A 135 -12.91 3.12 6.08
CA GLY A 135 -14.09 2.84 6.88
C GLY A 135 -13.85 2.75 8.37
N SER A 136 -12.61 2.94 8.83
CA SER A 136 -12.31 2.95 10.24
C SER A 136 -11.57 4.23 10.58
N LEU A 137 -11.73 4.66 11.84
CA LEU A 137 -11.06 5.86 12.34
C LEU A 137 -10.02 5.44 13.36
N SER A 138 -8.75 5.70 13.06
CA SER A 138 -7.64 5.27 13.90
C SER A 138 -7.53 6.16 15.14
N ALA A 139 -6.56 5.82 16.00
CA ALA A 139 -6.26 6.68 17.14
C ALA A 139 -5.78 8.06 16.70
N ALA A 140 -5.32 8.20 15.45
CA ALA A 140 -4.96 9.49 14.86
C ALA A 140 -3.79 10.13 15.59
N THR A 141 -2.81 9.31 15.98
CA THR A 141 -1.58 9.82 16.54
C THR A 141 -0.50 10.06 15.49
N GLY A 142 -0.78 9.75 14.23
CA GLY A 142 0.15 10.05 13.16
C GLY A 142 1.11 8.92 12.87
N SER A 143 0.59 7.79 12.39
CA SER A 143 1.44 6.66 12.04
C SER A 143 2.36 7.04 10.89
N ILE A 144 3.61 6.59 10.96
CA ILE A 144 4.57 6.86 9.89
C ILE A 144 4.94 5.61 9.12
N GLY A 145 4.33 4.46 9.43
CA GLY A 145 4.61 3.24 8.70
C GLY A 145 6.02 2.75 8.96
N GLY A 146 6.49 1.88 8.06
CA GLY A 146 7.83 1.35 8.15
C GLY A 146 8.11 0.55 9.40
N GLY A 147 7.08 -0.01 10.02
CA GLY A 147 7.26 -0.73 11.26
C GLY A 147 7.69 0.12 12.43
N GLN A 148 7.47 1.44 12.35
CA GLN A 148 7.98 2.34 13.37
C GLN A 148 7.06 2.41 14.58
N ILE A 149 7.66 2.48 15.76
CA ILE A 149 6.87 2.63 16.98
C ILE A 149 6.53 4.08 17.29
N ALA A 150 7.37 5.03 16.88
CA ALA A 150 7.10 6.44 17.15
C ALA A 150 6.02 6.99 16.21
N SER A 151 5.08 7.74 16.78
CA SER A 151 4.07 8.43 16.01
C SER A 151 4.49 9.89 15.79
N ALA A 152 3.86 10.52 14.81
CA ALA A 152 4.11 11.94 14.58
C ALA A 152 3.73 12.78 15.79
N LEU A 153 2.67 12.39 16.51
CA LEU A 153 2.29 13.12 17.72
C LEU A 153 3.37 13.00 18.79
N SER A 154 3.98 11.83 18.91
CA SER A 154 5.09 11.67 19.87
C SER A 154 6.28 12.55 19.49
N ARG A 155 6.35 13.01 18.24
CA ARG A 155 7.34 13.98 17.81
C ARG A 155 6.80 15.40 17.80
N ASN A 156 5.64 15.63 18.42
CA ASN A 156 5.05 16.95 18.64
C ASN A 156 4.48 17.58 17.38
N PHE A 157 4.16 16.77 16.36
CA PHE A 157 3.33 17.23 15.26
C PHE A 157 1.87 17.32 15.72
N ALA A 158 1.11 18.18 15.04
CA ALA A 158 -0.35 18.06 15.08
C ALA A 158 -0.77 17.03 14.04
N THR A 159 -1.65 16.09 14.44
CA THR A 159 -1.93 14.91 13.63
C THR A 159 -3.42 14.74 13.41
N ILE A 160 -3.79 14.20 12.24
CA ILE A 160 -5.20 14.01 11.89
C ILE A 160 -5.35 12.74 11.07
N ALA A 161 -6.55 12.15 11.15
CA ALA A 161 -6.90 10.95 10.39
C ALA A 161 -8.39 11.04 10.04
N THR A 162 -8.78 10.23 9.05
CA THR A 162 -10.18 10.15 8.62
C THR A 162 -10.55 8.69 8.39
N ASP A 163 -11.85 8.42 8.29
CA ASP A 163 -12.33 7.11 7.88
C ASP A 163 -12.71 7.06 6.41
N GLY A 164 -12.59 8.18 5.69
CA GLY A 164 -12.78 8.18 4.26
C GLY A 164 -14.21 8.36 3.78
N GLY A 165 -15.16 8.60 4.69
CA GLY A 165 -16.53 8.88 4.29
C GLY A 165 -17.52 7.77 4.55
N HIS A 166 -17.09 6.62 5.07
CA HIS A 166 -18.01 5.56 5.45
C HIS A 166 -17.47 4.88 6.71
N ASP A 167 -18.34 4.09 7.34
CA ASP A 167 -18.08 3.52 8.65
C ASP A 167 -18.35 2.02 8.59
N ASN A 168 -17.32 1.20 8.85
CA ASN A 168 -17.46 -0.24 8.71
C ASN A 168 -18.47 -0.82 9.68
N ALA A 169 -18.73 -0.15 10.80
CA ALA A 169 -19.73 -0.62 11.76
C ALA A 169 -21.15 -0.29 11.33
N VAL A 170 -21.33 0.72 10.48
CA VAL A 170 -22.64 1.17 10.06
C VAL A 170 -22.91 0.83 8.60
N ASN A 171 -21.93 1.05 7.73
CA ASN A 171 -22.08 0.80 6.30
C ASN A 171 -21.67 -0.63 5.97
N ASP A 172 -22.36 -1.56 6.64
CA ASP A 172 -22.15 -2.99 6.50
C ASP A 172 -23.46 -3.58 5.99
N ASN A 173 -23.56 -3.74 4.67
CA ASN A 173 -24.79 -4.16 4.01
C ASN A 173 -24.66 -5.62 3.60
N PRO A 174 -25.44 -6.54 4.19
CA PRO A 174 -25.29 -7.96 3.85
C PRO A 174 -25.73 -8.31 2.44
N ASP A 175 -26.40 -7.40 1.75
CA ASP A 175 -26.77 -7.60 0.35
C ASP A 175 -25.75 -7.06 -0.63
N ALA A 176 -24.76 -6.30 -0.14
CA ALA A 176 -23.75 -5.67 -1.00
C ALA A 176 -22.34 -5.97 -0.47
N LEU A 177 -22.12 -7.21 -0.03
CA LEU A 177 -20.79 -7.74 0.27
C LEU A 177 -20.14 -7.05 1.47
N GLY A 178 -20.93 -6.68 2.46
CA GLY A 178 -20.37 -6.29 3.75
C GLY A 178 -19.85 -4.87 3.74
N THR A 179 -18.61 -4.69 4.20
CA THR A 179 -18.08 -3.36 4.45
C THR A 179 -17.61 -2.66 3.18
N VAL A 180 -17.70 -3.30 2.01
CA VAL A 180 -17.49 -2.58 0.75
C VAL A 180 -18.77 -1.90 0.26
N ALA A 181 -19.86 -2.00 1.01
CA ALA A 181 -21.16 -1.57 0.53
C ALA A 181 -21.29 -0.06 0.34
N PHE A 182 -20.33 0.74 0.80
CA PHE A 182 -20.37 2.17 0.51
C PHE A 182 -20.38 2.43 -0.99
N GLY A 183 -19.91 1.47 -1.80
CA GLY A 183 -19.91 1.64 -3.24
C GLY A 183 -21.28 1.80 -3.87
N LEU A 184 -22.35 1.48 -3.14
CA LEU A 184 -23.69 1.68 -3.65
C LEU A 184 -24.09 3.14 -3.72
N ASP A 185 -23.36 4.03 -3.05
CA ASP A 185 -23.70 5.45 -3.03
C ASP A 185 -22.67 6.24 -3.83
N PRO A 186 -23.09 6.98 -4.85
CA PRO A 186 -22.12 7.73 -5.67
C PRO A 186 -21.26 8.70 -4.88
N GLN A 187 -21.86 9.45 -3.94
CA GLN A 187 -21.08 10.44 -3.20
C GLN A 187 -20.07 9.76 -2.27
N ALA A 188 -20.44 8.61 -1.70
CA ALA A 188 -19.50 7.89 -0.83
C ALA A 188 -18.29 7.43 -1.62
N ARG A 189 -18.47 7.07 -2.90
CA ARG A 189 -17.33 6.78 -3.76
C ARG A 189 -16.44 8.01 -3.93
N LEU A 190 -17.05 9.17 -4.20
CA LEU A 190 -16.27 10.39 -4.35
C LEU A 190 -15.53 10.73 -3.06
N ASP A 191 -16.19 10.56 -1.91
CA ASP A 191 -15.54 10.79 -0.63
C ASP A 191 -14.34 9.85 -0.45
N MSE A 192 -14.51 8.59 -0.83
CA MSE A 192 -13.44 7.60 -0.73
C MSE A 192 -12.28 7.93 -1.64
O MSE A 192 -11.12 7.76 -1.28
CB MSE A 192 -13.99 6.21 -1.06
CG MSE A 192 -12.94 5.13 -1.11
SE MSE A 192 -12.25 4.77 0.67
CE MSE A 192 -10.88 3.45 0.20
N GLY A 193 -12.60 8.43 -2.83
CA GLY A 193 -11.55 8.69 -3.82
C GLY A 193 -10.72 9.91 -3.48
N TYR A 194 -11.37 11.01 -3.10
CA TYR A 194 -10.61 12.25 -2.90
C TYR A 194 -11.26 13.23 -1.93
N ASN A 195 -12.59 13.25 -1.84
CA ASN A 195 -13.24 14.37 -1.16
C ASN A 195 -13.03 14.33 0.35
N SER A 196 -13.03 13.13 0.94
CA SER A 196 -12.90 13.04 2.40
C SER A 196 -11.58 13.63 2.87
N TYR A 197 -10.47 13.25 2.22
CA TYR A 197 -9.16 13.74 2.62
C TYR A 197 -9.03 15.24 2.39
N ASP A 198 -9.69 15.78 1.36
CA ASP A 198 -9.69 17.22 1.13
C ASP A 198 -10.44 17.94 2.26
N GLN A 199 -11.64 17.46 2.59
CA GLN A 199 -12.41 18.11 3.64
C GLN A 199 -11.71 18.04 4.98
N VAL A 200 -11.07 16.91 5.27
CA VAL A 200 -10.45 16.73 6.57
C VAL A 200 -9.16 17.55 6.68
N THR A 201 -8.41 17.66 5.58
CA THR A 201 -7.24 18.54 5.59
C THR A 201 -7.65 19.98 5.88
N GLN A 202 -8.72 20.46 5.24
CA GLN A 202 -9.18 21.83 5.46
C GLN A 202 -9.64 22.02 6.90
N ALA A 203 -10.42 21.06 7.43
CA ALA A 203 -10.90 21.19 8.80
C ALA A 203 -9.75 21.16 9.79
N GLY A 204 -8.78 20.27 9.58
CA GLY A 204 -7.65 20.20 10.49
C GLY A 204 -6.83 21.48 10.50
N LYS A 205 -6.59 22.05 9.32
CA LYS A 205 -5.82 23.29 9.26
C LYS A 205 -6.57 24.45 9.90
N ALA A 206 -7.89 24.48 9.78
CA ALA A 206 -8.67 25.53 10.43
C ALA A 206 -8.59 25.41 11.94
N ALA A 207 -8.71 24.19 12.46
CA ALA A 207 -8.59 23.99 13.91
C ALA A 207 -7.19 24.35 14.39
N VAL A 208 -6.17 24.03 13.61
CA VAL A 208 -4.80 24.35 13.99
C VAL A 208 -4.62 25.86 14.08
N ALA A 209 -5.10 26.59 13.07
CA ALA A 209 -4.96 28.05 13.09
C ALA A 209 -5.68 28.66 14.28
N ARG A 210 -6.84 28.11 14.64
CA ARG A 210 -7.59 28.64 15.78
C ARG A 210 -6.93 28.28 17.10
N PHE A 211 -6.52 27.02 17.25
CA PHE A 211 -5.96 26.55 18.52
C PHE A 211 -4.61 27.18 18.80
N TYR A 212 -3.76 27.33 17.79
CA TYR A 212 -2.41 27.84 17.99
C TYR A 212 -2.27 29.33 17.66
N GLY A 213 -3.25 29.92 16.98
CA GLY A 213 -3.13 31.31 16.58
C GLY A 213 -2.32 31.54 15.33
N ARG A 214 -1.88 30.48 14.67
CA ARG A 214 -1.10 30.59 13.44
C ARG A 214 -1.26 29.29 12.66
N ALA A 215 -0.97 29.37 11.38
CA ALA A 215 -0.99 28.17 10.55
C ALA A 215 0.29 27.38 10.75
N ALA A 216 0.23 26.10 10.37
CA ALA A 216 1.43 25.27 10.42
C ALA A 216 2.48 25.82 9.45
N ASP A 217 3.74 25.74 9.87
CA ASP A 217 4.84 26.12 8.99
C ASP A 217 4.92 25.21 7.77
N LYS A 218 4.79 23.90 7.99
CA LYS A 218 4.82 22.92 6.92
C LYS A 218 3.81 21.82 7.23
N SER A 219 3.32 21.17 6.18
CA SER A 219 2.33 20.11 6.30
C SER A 219 2.86 18.84 5.64
N TYR A 220 2.64 17.71 6.30
CA TYR A 220 3.20 16.43 5.85
C TYR A 220 2.10 15.38 5.79
N PHE A 221 2.17 14.52 4.78
CA PHE A 221 1.26 13.39 4.64
C PHE A 221 2.10 12.13 4.44
N ILE A 222 1.79 11.09 5.22
CA ILE A 222 2.43 9.79 5.04
C ILE A 222 1.35 8.72 4.96
N GLY A 223 1.42 7.89 3.93
CA GLY A 223 0.50 6.77 3.81
C GLY A 223 1.13 5.64 3.03
N CYS A 224 0.61 4.44 3.26
CA CYS A 224 1.01 3.24 2.54
C CYS A 224 -0.24 2.52 2.05
N SER A 225 -0.10 1.84 0.90
CA SER A 225 -1.18 1.03 0.33
C SER A 225 -2.28 1.94 -0.20
N GLU A 226 -3.52 1.78 0.28
CA GLU A 226 -4.55 2.77 -0.02
C GLU A 226 -4.11 4.17 0.43
N GLY A 227 -3.34 4.24 1.52
CA GLY A 227 -2.79 5.52 1.93
C GLY A 227 -1.73 6.05 0.99
N GLY A 228 -1.02 5.16 0.30
CA GLY A 228 -0.08 5.61 -0.73
C GLY A 228 -0.80 6.18 -1.93
N ARG A 229 -1.90 5.54 -2.35
CA ARG A 229 -2.76 6.14 -3.37
C ARG A 229 -3.21 7.54 -2.95
N GLU A 230 -3.62 7.69 -1.69
CA GLU A 230 -4.06 9.01 -1.22
C GLU A 230 -2.95 10.05 -1.35
N GLY A 231 -1.72 9.67 -1.01
CA GLY A 231 -0.62 10.61 -1.13
C GLY A 231 -0.37 11.06 -2.55
N MSE A 232 -0.41 10.14 -3.50
CA MSE A 232 -0.22 10.49 -4.90
C MSE A 232 -1.38 11.34 -5.39
O MSE A 232 -1.19 12.32 -6.12
CB MSE A 232 -0.05 9.23 -5.76
CG MSE A 232 1.29 8.54 -5.53
SE MSE A 232 1.61 7.03 -6.70
CE MSE A 232 1.27 7.89 -8.42
N MSE A 233 -2.59 10.98 -4.98
CA MSE A 233 -3.77 11.76 -5.33
C MSE A 233 -3.62 13.21 -4.86
O MSE A 233 -3.93 14.16 -5.58
CB MSE A 233 -5.02 11.14 -4.71
CG MSE A 233 -6.31 11.93 -4.92
SE MSE A 233 -6.63 13.26 -3.51
CE MSE A 233 -6.52 12.07 -1.96
N LEU A 234 -3.12 13.40 -3.63
CA LEU A 234 -2.97 14.75 -3.09
C LEU A 234 -1.95 15.55 -3.90
N SER A 235 -0.84 14.91 -4.30
CA SER A 235 0.16 15.61 -5.08
C SER A 235 -0.38 16.07 -6.43
N GLN A 236 -1.34 15.33 -6.98
CA GLN A 236 -1.89 15.60 -8.30
C GLN A 236 -3.11 16.53 -8.23
N ARG A 237 -4.03 16.27 -7.31
CA ARG A 237 -5.32 16.94 -7.25
C ARG A 237 -5.35 18.12 -6.29
N PHE A 238 -4.59 18.06 -5.20
CA PHE A 238 -4.55 19.12 -4.20
C PHE A 238 -3.11 19.47 -3.86
N PRO A 239 -2.34 19.97 -4.84
CA PRO A 239 -0.88 20.11 -4.64
C PRO A 239 -0.49 21.03 -3.49
N SER A 240 -1.33 21.97 -3.09
CA SER A 240 -0.98 22.90 -2.02
C SER A 240 -1.33 22.39 -0.63
N HIS A 241 -1.98 21.23 -0.53
CA HIS A 241 -2.38 20.72 0.78
C HIS A 241 -1.18 20.31 1.61
N TYR A 242 -0.20 19.63 1.01
CA TYR A 242 0.93 19.10 1.76
C TYR A 242 2.24 19.47 1.08
N ASP A 243 3.22 19.83 1.91
CA ASP A 243 4.55 20.16 1.43
C ASP A 243 5.43 18.92 1.26
N GLY A 244 5.21 17.91 2.09
CA GLY A 244 5.94 16.66 1.96
C GLY A 244 4.99 15.48 1.98
N ILE A 245 5.20 14.54 1.06
CA ILE A 245 4.33 13.37 0.93
C ILE A 245 5.20 12.13 0.87
N VAL A 246 4.88 11.14 1.69
CA VAL A 246 5.41 9.78 1.55
C VAL A 246 4.26 8.91 1.09
N ALA A 247 4.47 8.19 -0.02
CA ALA A 247 3.47 7.27 -0.57
C ALA A 247 4.12 5.91 -0.73
N GLY A 248 3.81 5.00 0.17
CA GLY A 248 4.32 3.64 0.12
C GLY A 248 3.34 2.71 -0.57
N ALA A 249 3.89 1.72 -1.29
CA ALA A 249 3.15 0.70 -2.04
C ALA A 249 1.84 1.27 -2.59
N PRO A 250 1.89 2.31 -3.41
CA PRO A 250 0.68 3.10 -3.68
C PRO A 250 -0.24 2.40 -4.69
N GLY A 251 -1.50 2.26 -4.32
CA GLY A 251 -2.49 1.69 -5.21
C GLY A 251 -3.05 2.73 -6.15
N TYR A 252 -2.19 3.39 -6.93
CA TYR A 252 -2.61 4.52 -7.75
C TYR A 252 -3.47 4.10 -8.93
N GLN A 253 -3.55 2.80 -9.23
CA GLN A 253 -4.49 2.27 -10.21
C GLN A 253 -5.36 1.19 -9.56
N LEU A 254 -5.82 1.45 -8.35
CA LEU A 254 -6.55 0.45 -7.58
C LEU A 254 -7.72 -0.21 -8.31
N PRO A 255 -8.54 0.49 -9.10
CA PRO A 255 -9.63 -0.22 -9.81
C PRO A 255 -9.16 -1.32 -10.74
N LYS A 256 -7.87 -1.37 -11.09
CA LYS A 256 -7.36 -2.47 -11.90
C LYS A 256 -6.94 -3.69 -11.10
N ALA A 257 -6.88 -3.58 -9.77
CA ALA A 257 -6.42 -4.71 -8.96
C ALA A 257 -7.32 -5.93 -9.12
N GLY A 258 -8.64 -5.71 -9.14
CA GLY A 258 -9.55 -6.83 -9.31
C GLY A 258 -9.45 -7.49 -10.67
N ILE A 259 -9.03 -6.73 -11.69
CA ILE A 259 -8.75 -7.33 -12.99
C ILE A 259 -7.57 -8.28 -12.88
N SER A 260 -6.49 -7.83 -12.22
CA SER A 260 -5.39 -8.74 -11.94
C SER A 260 -5.84 -9.92 -11.10
N GLY A 261 -6.75 -9.69 -10.13
CA GLY A 261 -7.19 -10.77 -9.27
C GLY A 261 -7.98 -11.83 -10.02
N ALA A 262 -8.86 -11.40 -10.93
CA ALA A 262 -9.54 -12.37 -11.80
C ALA A 262 -8.54 -13.14 -12.63
N TRP A 263 -7.50 -12.45 -13.12
CA TRP A 263 -6.49 -13.08 -13.96
C TRP A 263 -5.67 -14.10 -13.17
N THR A 264 -5.19 -13.73 -11.98
CA THR A 264 -4.39 -14.68 -11.22
C THR A 264 -5.23 -15.85 -10.73
N THR A 265 -6.50 -15.59 -10.42
CA THR A 265 -7.40 -16.68 -10.02
C THR A 265 -7.59 -17.67 -11.15
N GLN A 266 -7.91 -17.18 -12.35
CA GLN A 266 -8.10 -18.08 -13.49
C GLN A 266 -6.78 -18.71 -13.91
N SER A 267 -5.66 -18.00 -13.74
CA SER A 267 -4.36 -18.58 -14.11
C SER A 267 -3.96 -19.71 -13.18
N LEU A 268 -4.27 -19.59 -11.88
CA LEU A 268 -3.86 -20.60 -10.92
C LEU A 268 -4.83 -21.77 -10.83
N ALA A 269 -6.08 -21.59 -11.26
CA ALA A 269 -7.09 -22.63 -11.12
C ALA A 269 -6.70 -23.99 -11.70
N PRO A 270 -6.03 -24.09 -12.86
CA PRO A 270 -5.66 -25.43 -13.34
C PRO A 270 -4.69 -26.17 -12.43
N ALA A 271 -3.97 -25.47 -11.57
CA ALA A 271 -3.05 -26.08 -10.62
C ALA A 271 -3.71 -26.38 -9.28
N ALA A 272 -4.98 -26.03 -9.12
CA ALA A 272 -5.65 -26.25 -7.84
C ALA A 272 -5.95 -27.72 -7.62
N VAL A 273 -6.08 -28.09 -6.35
CA VAL A 273 -6.45 -29.44 -5.95
C VAL A 273 -7.58 -29.33 -4.94
N GLY A 274 -8.71 -29.94 -5.25
CA GLY A 274 -9.89 -29.83 -4.41
C GLY A 274 -10.75 -28.63 -4.78
N LEU A 275 -11.94 -28.59 -4.19
CA LEU A 275 -12.95 -27.58 -4.45
C LEU A 275 -13.47 -27.05 -3.12
N ASP A 276 -13.92 -25.79 -3.12
CA ASP A 276 -14.54 -25.22 -1.93
C ASP A 276 -16.02 -25.64 -1.89
N ALA A 277 -16.77 -25.08 -0.94
CA ALA A 277 -18.16 -25.49 -0.75
C ALA A 277 -19.06 -25.07 -1.90
N GLN A 278 -18.64 -24.12 -2.72
CA GLN A 278 -19.38 -23.69 -3.89
C GLN A 278 -18.89 -24.36 -5.17
N GLY A 279 -18.06 -25.39 -5.04
CA GLY A 279 -17.60 -26.12 -6.20
C GLY A 279 -16.55 -25.41 -7.03
N VAL A 280 -15.89 -24.41 -6.46
CA VAL A 280 -14.87 -23.61 -7.14
C VAL A 280 -13.50 -24.16 -6.74
N PRO A 281 -12.54 -24.24 -7.65
CA PRO A 281 -11.22 -24.79 -7.28
C PRO A 281 -10.59 -24.04 -6.12
N LEU A 282 -9.86 -24.79 -5.30
CA LEU A 282 -9.14 -24.24 -4.14
C LEU A 282 -7.81 -23.68 -4.63
N ILE A 283 -7.81 -22.37 -4.92
CA ILE A 283 -6.62 -21.70 -5.41
C ILE A 283 -5.49 -21.79 -4.40
N ASN A 284 -5.83 -21.80 -3.10
CA ASN A 284 -4.83 -21.91 -2.06
C ASN A 284 -4.06 -23.22 -2.10
N LYS A 285 -4.61 -24.25 -2.75
CA LYS A 285 -3.94 -25.54 -2.84
C LYS A 285 -3.05 -25.66 -4.06
N SER A 286 -2.96 -24.61 -4.89
CA SER A 286 -2.15 -24.68 -6.10
C SER A 286 -0.66 -24.78 -5.79
N PHE A 287 -0.22 -24.19 -4.69
CA PHE A 287 1.16 -24.24 -4.26
C PHE A 287 1.19 -24.43 -2.75
N SER A 288 1.93 -25.44 -2.29
CA SER A 288 2.21 -25.53 -0.86
C SER A 288 3.25 -24.49 -0.49
N ASP A 289 3.41 -24.27 0.82
CA ASP A 289 4.48 -23.38 1.28
C ASP A 289 5.85 -23.88 0.85
N ALA A 290 6.06 -25.20 0.91
CA ALA A 290 7.33 -25.75 0.45
C ALA A 290 7.55 -25.52 -1.04
N ASP A 291 6.47 -25.61 -1.83
CA ASP A 291 6.57 -25.34 -3.26
C ASP A 291 6.97 -23.90 -3.53
N LEU A 292 6.36 -22.94 -2.81
CA LEU A 292 6.72 -21.54 -3.00
C LEU A 292 8.16 -21.28 -2.58
N HIS A 293 8.60 -21.92 -1.50
CA HIS A 293 9.99 -21.77 -1.08
C HIS A 293 10.94 -22.29 -2.15
N LEU A 294 10.58 -23.42 -2.78
CA LEU A 294 11.37 -23.94 -3.88
C LEU A 294 11.47 -22.93 -5.02
N LEU A 295 10.36 -22.27 -5.35
CA LEU A 295 10.38 -21.24 -6.38
C LEU A 295 11.30 -20.08 -5.99
N SER A 296 11.22 -19.64 -4.73
CA SER A 296 12.07 -18.54 -4.27
CA SER A 296 12.07 -18.53 -4.31
C SER A 296 13.55 -18.92 -4.30
N GLN A 297 13.85 -20.18 -3.96
CA GLN A 297 15.25 -20.62 -3.98
C GLN A 297 15.78 -20.65 -5.41
N ALA A 298 14.93 -21.02 -6.38
CA ALA A 298 15.36 -20.99 -7.77
C ALA A 298 15.57 -19.57 -8.26
N ILE A 299 14.74 -18.63 -7.79
CA ILE A 299 14.96 -17.22 -8.12
C ILE A 299 16.30 -16.75 -7.57
N LEU A 300 16.60 -17.11 -6.32
CA LEU A 300 17.88 -16.74 -5.74
C LEU A 300 19.03 -17.36 -6.51
N GLY A 301 18.90 -18.64 -6.91
CA GLY A 301 19.94 -19.27 -7.68
C GLY A 301 20.27 -18.54 -8.96
N THR A 302 19.24 -18.00 -9.62
CA THR A 302 19.44 -17.25 -10.85
C THR A 302 19.83 -15.80 -10.58
N CYS A 303 19.24 -15.17 -9.57
CA CYS A 303 19.23 -13.72 -9.46
C CYS A 303 20.03 -13.14 -8.31
N ASP A 304 20.29 -13.93 -7.25
CA ASP A 304 20.91 -13.37 -6.04
C ASP A 304 22.20 -12.63 -6.35
N ALA A 305 23.09 -13.26 -7.12
CA ALA A 305 24.42 -12.72 -7.35
C ALA A 305 24.47 -11.66 -8.44
N LEU A 306 23.36 -11.36 -9.10
CA LEU A 306 23.39 -10.37 -10.17
C LEU A 306 23.67 -8.96 -9.68
N ASP A 307 23.59 -8.73 -8.37
CA ASP A 307 24.02 -7.48 -7.76
C ASP A 307 25.47 -7.52 -7.30
N GLY A 308 26.12 -8.67 -7.39
CA GLY A 308 27.49 -8.84 -6.98
C GLY A 308 27.70 -9.65 -5.72
N LEU A 309 26.64 -9.89 -4.94
CA LEU A 309 26.78 -10.51 -3.62
C LEU A 309 25.69 -11.53 -3.40
N ALA A 310 26.09 -12.75 -3.02
CA ALA A 310 25.13 -13.78 -2.64
C ALA A 310 24.75 -13.58 -1.18
N ASP A 311 23.53 -13.10 -0.94
CA ASP A 311 23.10 -12.80 0.43
C ASP A 311 21.61 -13.04 0.64
N GLY A 312 20.93 -13.73 -0.26
CA GLY A 312 19.50 -13.95 -0.12
C GLY A 312 18.65 -12.79 -0.53
N ILE A 313 19.23 -11.75 -1.14
CA ILE A 313 18.50 -10.56 -1.54
C ILE A 313 18.80 -10.27 -3.01
N VAL A 314 17.76 -10.03 -3.79
CA VAL A 314 17.90 -9.70 -5.21
C VAL A 314 17.85 -8.18 -5.32
N ASP A 315 19.01 -7.54 -5.21
CA ASP A 315 19.06 -6.09 -5.37
C ASP A 315 18.95 -5.66 -6.81
N ASN A 316 19.45 -6.47 -7.76
CA ASN A 316 19.41 -6.14 -9.18
C ASN A 316 18.14 -6.72 -9.78
N TYR A 317 17.01 -6.06 -9.49
CA TYR A 317 15.72 -6.60 -9.88
C TYR A 317 15.50 -6.57 -11.39
N ARG A 318 16.08 -5.58 -12.08
CA ARG A 318 15.95 -5.53 -13.53
C ARG A 318 16.66 -6.70 -14.18
N ALA A 319 17.88 -6.99 -13.75
CA ALA A 319 18.61 -8.13 -14.31
C ALA A 319 17.89 -9.45 -14.00
N CYS A 320 17.24 -9.53 -12.85
CA CYS A 320 16.50 -10.74 -12.50
C CYS A 320 15.35 -10.97 -13.48
N GLN A 321 14.57 -9.93 -13.78
CA GLN A 321 13.44 -10.09 -14.69
C GLN A 321 13.88 -10.54 -16.07
N ALA A 322 15.05 -10.07 -16.52
CA ALA A 322 15.57 -10.48 -17.81
C ALA A 322 16.11 -11.91 -17.79
N ALA A 323 16.47 -12.42 -16.61
CA ALA A 323 17.17 -13.70 -16.52
C ALA A 323 16.27 -14.88 -16.15
N PHE A 324 15.27 -14.67 -15.29
CA PHE A 324 14.58 -15.80 -14.66
C PHE A 324 13.37 -16.26 -15.47
N ASP A 325 13.28 -17.57 -15.67
CA ASP A 325 12.15 -18.24 -16.28
C ASP A 325 12.00 -19.59 -15.57
N PRO A 326 10.93 -19.80 -14.80
CA PRO A 326 10.82 -21.05 -14.04
C PRO A 326 10.67 -22.29 -14.91
N ALA A 327 10.32 -22.13 -16.19
CA ALA A 327 10.25 -23.28 -17.09
C ALA A 327 11.62 -23.74 -17.54
N THR A 328 12.64 -22.87 -17.49
CA THR A 328 14.00 -23.24 -17.84
C THR A 328 14.96 -23.19 -16.67
N ALA A 329 14.57 -22.56 -15.56
CA ALA A 329 15.47 -22.40 -14.43
C ALA A 329 15.81 -23.74 -13.80
N ALA A 330 17.04 -23.84 -13.31
CA ALA A 330 17.49 -25.04 -12.61
C ALA A 330 17.24 -24.89 -11.12
N ASN A 331 17.00 -26.02 -10.47
CA ASN A 331 17.01 -26.07 -9.02
C ASN A 331 18.46 -25.97 -8.57
N PRO A 332 18.88 -24.89 -7.92
CA PRO A 332 20.32 -24.71 -7.64
C PRO A 332 20.91 -25.80 -6.77
N ALA A 333 20.10 -26.52 -5.99
CA ALA A 333 20.64 -27.48 -5.04
C ALA A 333 21.17 -28.74 -5.73
N ASN A 334 20.45 -29.25 -6.74
CA ASN A 334 20.86 -30.47 -7.43
C ASN A 334 21.20 -30.27 -8.89
N GLY A 335 21.07 -29.05 -9.42
CA GLY A 335 21.29 -28.81 -10.83
C GLY A 335 20.20 -29.33 -11.75
N GLN A 336 19.23 -30.08 -11.22
CA GLN A 336 18.10 -30.52 -12.03
C GLN A 336 17.18 -29.34 -12.31
N ALA A 337 16.37 -29.48 -13.36
CA ALA A 337 15.43 -28.44 -13.72
C ALA A 337 14.40 -28.24 -12.60
N LEU A 338 14.01 -26.99 -12.38
CA LEU A 338 12.98 -26.70 -11.39
C LEU A 338 11.67 -27.37 -11.76
N GLN A 339 11.35 -27.41 -13.05
CA GLN A 339 10.13 -28.06 -13.51
C GLN A 339 10.32 -29.58 -13.54
N CYS A 340 9.37 -30.30 -12.95
CA CYS A 340 9.46 -31.76 -12.91
C CYS A 340 9.51 -32.34 -14.31
N VAL A 341 10.41 -33.31 -14.51
CA VAL A 341 10.44 -34.05 -15.76
C VAL A 341 9.47 -35.22 -15.74
N GLY A 342 9.10 -35.70 -14.56
CA GLY A 342 8.10 -36.76 -14.44
C GLY A 342 7.06 -36.44 -13.38
N ALA A 343 6.91 -37.34 -12.42
CA ALA A 343 5.95 -37.12 -11.34
C ALA A 343 6.47 -36.05 -10.38
N LYS A 344 5.54 -35.52 -9.57
CA LYS A 344 5.88 -34.45 -8.64
C LYS A 344 6.70 -34.98 -7.47
N THR A 345 7.81 -34.31 -7.19
CA THR A 345 8.60 -34.55 -6.00
C THR A 345 8.69 -33.25 -5.19
N ALA A 346 9.18 -33.37 -3.97
CA ALA A 346 9.36 -32.19 -3.13
C ALA A 346 10.40 -31.22 -3.67
N ASP A 347 11.19 -31.63 -4.67
CA ASP A 347 12.28 -30.83 -5.19
C ASP A 347 12.00 -30.27 -6.58
N CYS A 348 10.75 -30.31 -7.05
CA CYS A 348 10.43 -29.76 -8.36
C CYS A 348 8.99 -29.27 -8.36
N LEU A 349 8.67 -28.46 -9.37
CA LEU A 349 7.32 -27.94 -9.58
C LEU A 349 6.73 -28.55 -10.84
N SER A 350 5.46 -28.92 -10.78
CA SER A 350 4.81 -29.54 -11.92
C SER A 350 4.73 -28.55 -13.08
N PRO A 351 4.71 -29.04 -14.32
CA PRO A 351 4.54 -28.13 -15.46
C PRO A 351 3.27 -27.31 -15.38
N VAL A 352 2.19 -27.85 -14.78
CA VAL A 352 0.97 -27.08 -14.62
C VAL A 352 1.18 -25.94 -13.64
N GLN A 353 1.92 -26.20 -12.56
CA GLN A 353 2.25 -25.12 -11.62
C GLN A 353 3.08 -24.03 -12.30
N VAL A 354 4.08 -24.45 -13.09
CA VAL A 354 4.96 -23.49 -13.75
C VAL A 354 4.19 -22.64 -14.75
N THR A 355 3.35 -23.29 -15.56
CA THR A 355 2.50 -22.54 -16.49
C THR A 355 1.62 -21.55 -15.73
N ALA A 356 1.03 -22.00 -14.62
CA ALA A 356 0.08 -21.16 -13.88
C ALA A 356 0.76 -19.91 -13.31
N ILE A 357 1.91 -20.08 -12.65
CA ILE A 357 2.52 -18.93 -12.02
C ILE A 357 3.14 -18.00 -13.06
N LYS A 358 3.64 -18.56 -14.17
CA LYS A 358 4.14 -17.71 -15.25
C LYS A 358 3.02 -16.83 -15.80
N ARG A 359 1.84 -17.41 -16.01
CA ARG A 359 0.72 -16.66 -16.57
C ARG A 359 0.24 -15.59 -15.59
N ALA A 360 0.11 -15.95 -14.31
CA ALA A 360 -0.32 -14.98 -13.31
C ALA A 360 0.65 -13.81 -13.23
N MSE A 361 1.96 -14.08 -13.26
CA MSE A 361 2.96 -13.02 -13.14
C MSE A 361 3.03 -12.13 -14.38
O MSE A 361 3.47 -10.98 -14.31
CB MSE A 361 4.34 -13.62 -12.86
CG MSE A 361 4.41 -14.41 -11.55
SE MSE A 361 4.34 -13.28 -9.97
CE MSE A 361 6.15 -12.58 -10.04
N ALA A 362 2.57 -12.66 -15.52
CA ALA A 362 2.60 -11.88 -16.75
C ALA A 362 1.62 -10.72 -16.74
N GLY A 363 0.52 -10.86 -16.01
CA GLY A 363 -0.47 -9.82 -15.93
C GLY A 363 -1.62 -10.01 -16.90
N PRO A 364 -2.75 -9.37 -16.62
CA PRO A 364 -3.96 -9.60 -17.43
C PRO A 364 -3.89 -8.93 -18.79
N VAL A 365 -4.50 -9.60 -19.79
CA VAL A 365 -4.64 -9.07 -21.13
C VAL A 365 -6.07 -9.34 -21.59
N ASN A 366 -6.51 -8.57 -22.59
CA ASN A 366 -7.79 -8.84 -23.22
C ASN A 366 -7.58 -9.81 -24.39
N SER A 367 -8.63 -10.05 -25.17
CA SER A 367 -8.54 -11.04 -26.24
C SER A 367 -7.53 -10.64 -27.32
N ALA A 368 -7.30 -9.33 -27.48
CA ALA A 368 -6.31 -8.85 -28.44
C ALA A 368 -4.89 -8.89 -27.90
N GLY A 369 -4.69 -9.32 -26.66
CA GLY A 369 -3.37 -9.35 -26.07
C GLY A 369 -2.90 -8.04 -25.47
N THR A 370 -3.80 -7.08 -25.27
CA THR A 370 -3.42 -5.78 -24.75
C THR A 370 -3.38 -5.81 -23.23
N PRO A 371 -2.30 -5.38 -22.60
CA PRO A 371 -2.21 -5.43 -21.14
C PRO A 371 -3.26 -4.54 -20.48
N LEU A 372 -3.87 -5.07 -19.42
CA LEU A 372 -4.90 -4.36 -18.67
C LEU A 372 -4.41 -3.83 -17.33
N TYR A 373 -3.21 -4.23 -16.89
CA TYR A 373 -2.61 -3.69 -15.69
C TYR A 373 -1.10 -3.58 -15.91
N ASN A 374 -0.35 -4.57 -15.46
CA ASN A 374 1.10 -4.61 -15.62
C ASN A 374 1.56 -6.01 -15.24
N ARG A 375 2.85 -6.27 -15.41
CA ARG A 375 3.44 -7.53 -14.99
C ARG A 375 4.01 -7.39 -13.58
N TRP A 376 4.38 -8.53 -13.01
CA TRP A 376 4.89 -8.61 -11.65
C TRP A 376 6.31 -9.13 -11.65
N ALA A 377 7.10 -8.68 -10.68
CA ALA A 377 8.51 -9.02 -10.61
C ALA A 377 8.72 -10.33 -9.87
N TRP A 378 9.50 -11.23 -10.47
CA TRP A 378 10.00 -12.37 -9.72
C TRP A 378 10.93 -11.87 -8.62
N ASP A 379 10.74 -12.37 -7.41
CA ASP A 379 11.56 -11.94 -6.29
C ASP A 379 11.52 -13.00 -5.20
N ALA A 380 12.56 -13.02 -4.37
CA ALA A 380 12.68 -14.04 -3.35
C ALA A 380 11.64 -13.90 -2.24
N GLY A 381 11.09 -12.70 -2.05
CA GLY A 381 10.09 -12.51 -1.03
C GLY A 381 8.73 -13.12 -1.33
N MSE A 382 8.59 -13.85 -2.43
CA MSE A 382 7.40 -14.65 -2.67
C MSE A 382 7.30 -15.72 -1.58
O MSE A 382 6.21 -16.22 -1.28
CB MSE A 382 7.43 -15.29 -4.05
CG MSE A 382 7.29 -14.29 -5.19
SE MSE A 382 7.73 -15.10 -6.91
CE MSE A 382 5.97 -15.74 -7.42
N SER A 383 8.45 -16.06 -0.99
CA SER A 383 8.48 -16.96 0.14
C SER A 383 9.43 -16.44 1.20
N GLY A 384 10.13 -17.36 1.87
CA GLY A 384 10.99 -17.00 2.98
C GLY A 384 10.76 -17.96 4.12
N LEU A 385 11.84 -18.32 4.83
CA LEU A 385 11.77 -19.27 5.94
C LEU A 385 12.54 -18.69 7.10
N SER A 386 11.84 -18.42 8.20
CA SER A 386 12.46 -17.97 9.44
C SER A 386 12.19 -19.04 10.50
N GLY A 387 13.23 -19.75 10.90
CA GLY A 387 13.04 -20.92 11.73
C GLY A 387 12.26 -21.98 11.00
N THR A 388 11.04 -22.28 11.47
CA THR A 388 10.14 -23.19 10.79
C THR A 388 8.92 -22.49 10.21
N THR A 389 8.92 -21.15 10.24
CA THR A 389 7.76 -20.37 9.82
C THR A 389 7.96 -19.87 8.40
N TYR A 390 7.09 -20.31 7.49
CA TYR A 390 7.12 -19.85 6.11
C TYR A 390 6.46 -18.49 5.99
N ASN A 391 7.00 -17.65 5.12
CA ASN A 391 6.43 -16.33 4.86
C ASN A 391 5.07 -16.48 4.18
N GLN A 392 4.04 -15.87 4.77
CA GLN A 392 2.70 -15.86 4.20
C GLN A 392 2.38 -14.56 3.47
N GLY A 393 3.25 -13.56 3.56
CA GLY A 393 2.94 -12.20 3.13
C GLY A 393 2.85 -11.99 1.64
N TRP A 394 3.33 -12.93 0.83
CA TRP A 394 3.09 -12.84 -0.61
C TRP A 394 1.87 -13.65 -1.01
N ARG A 395 1.81 -14.92 -0.58
CA ARG A 395 0.79 -15.84 -1.07
C ARG A 395 -0.61 -15.50 -0.59
N SER A 396 -0.74 -14.71 0.48
CA SER A 396 -2.07 -14.42 1.01
C SER A 396 -2.92 -13.64 0.01
N TRP A 397 -2.29 -12.97 -0.96
CA TRP A 397 -3.04 -12.10 -1.86
C TRP A 397 -3.70 -12.87 -2.99
N TRP A 398 -2.94 -13.70 -3.72
CA TRP A 398 -3.50 -14.44 -4.86
C TRP A 398 -3.89 -15.86 -4.51
N LEU A 399 -3.19 -16.50 -3.58
CA LEU A 399 -3.41 -17.91 -3.30
C LEU A 399 -4.27 -18.13 -2.07
N GLY A 400 -3.92 -17.47 -0.96
CA GLY A 400 -4.54 -17.76 0.31
C GLY A 400 -3.78 -18.82 1.08
N SER A 401 -4.22 -19.06 2.31
CA SER A 401 -3.54 -20.01 3.18
CA SER A 401 -3.54 -20.01 3.18
C SER A 401 -3.76 -21.44 2.69
N PHE A 402 -2.66 -22.19 2.57
CA PHE A 402 -2.75 -23.56 2.08
C PHE A 402 -3.63 -24.43 2.96
N ASN A 403 -3.50 -24.29 4.28
CA ASN A 403 -4.19 -25.16 5.23
C ASN A 403 -5.61 -24.68 5.45
N SER A 404 -6.42 -24.76 4.39
CA SER A 404 -7.81 -24.37 4.46
C SER A 404 -8.61 -25.14 3.43
N SER A 405 -9.84 -25.49 3.80
CA SER A 405 -10.78 -26.12 2.89
C SER A 405 -11.64 -25.12 2.15
N ALA A 406 -11.38 -23.83 2.32
CA ALA A 406 -12.08 -22.76 1.63
C ALA A 406 -11.06 -21.84 0.97
N ASN A 407 -11.50 -21.15 -0.08
CA ASN A 407 -10.69 -20.09 -0.65
C ASN A 407 -10.67 -18.91 0.30
N ASN A 408 -9.48 -18.38 0.60
CA ASN A 408 -9.41 -17.19 1.45
C ASN A 408 -8.42 -16.15 0.92
N ALA A 409 -7.99 -16.26 -0.33
CA ALA A 409 -7.15 -15.23 -0.93
C ALA A 409 -7.93 -13.94 -1.07
N GLN A 410 -7.23 -12.82 -0.88
CA GLN A 410 -7.89 -11.51 -1.03
C GLN A 410 -8.45 -11.31 -2.44
N ARG A 411 -7.77 -11.87 -3.45
CA ARG A 411 -8.14 -11.66 -4.83
C ARG A 411 -9.11 -12.71 -5.37
N VAL A 412 -9.38 -13.77 -4.61
CA VAL A 412 -10.28 -14.83 -5.05
C VAL A 412 -11.67 -14.59 -4.50
N SER A 413 -11.79 -14.60 -3.16
CA SER A 413 -13.06 -14.37 -2.51
C SER A 413 -13.00 -13.28 -1.45
N GLY A 414 -11.85 -12.65 -1.26
CA GLY A 414 -11.62 -11.71 -0.19
C GLY A 414 -12.04 -10.30 -0.54
N PHE A 415 -11.56 -9.35 0.28
CA PHE A 415 -12.06 -7.98 0.19
C PHE A 415 -11.69 -7.32 -1.13
N SER A 416 -10.60 -7.75 -1.77
CA SER A 416 -10.21 -7.12 -3.03
C SER A 416 -11.19 -7.45 -4.14
N ALA A 417 -11.55 -8.73 -4.26
CA ALA A 417 -12.57 -9.11 -5.23
C ALA A 417 -13.90 -8.46 -4.92
N ARG A 418 -14.29 -8.42 -3.64
CA ARG A 418 -15.55 -7.79 -3.26
C ARG A 418 -15.53 -6.30 -3.57
N SER A 419 -14.42 -5.62 -3.27
CA SER A 419 -14.34 -4.19 -3.52
C SER A 419 -14.44 -3.87 -5.01
N TRP A 420 -13.85 -4.71 -5.87
CA TRP A 420 -13.96 -4.45 -7.30
C TRP A 420 -15.41 -4.49 -7.75
N LEU A 421 -16.18 -5.47 -7.26
CA LEU A 421 -17.52 -5.68 -7.76
C LEU A 421 -18.47 -4.56 -7.31
N VAL A 422 -18.30 -4.05 -6.10
CA VAL A 422 -19.24 -3.09 -5.54
C VAL A 422 -18.69 -1.66 -5.57
N ASP A 423 -17.37 -1.47 -5.49
CA ASP A 423 -16.82 -0.12 -5.44
C ASP A 423 -16.28 0.37 -6.77
N PHE A 424 -15.74 -0.52 -7.61
CA PHE A 424 -15.03 -0.06 -8.80
C PHE A 424 -15.76 -0.36 -10.10
N ALA A 425 -16.51 -1.46 -10.17
CA ALA A 425 -17.39 -1.69 -11.32
C ALA A 425 -18.56 -0.70 -11.27
N THR A 426 -18.87 -0.12 -12.41
CA THR A 426 -20.00 0.80 -12.52
C THR A 426 -20.90 0.32 -13.65
N PRO A 427 -22.18 0.04 -13.38
CA PRO A 427 -22.81 0.13 -12.05
C PRO A 427 -22.32 -0.97 -11.11
N PRO A 428 -22.48 -0.78 -9.80
CA PRO A 428 -22.04 -1.80 -8.86
C PRO A 428 -22.74 -3.12 -9.09
N GLU A 429 -22.07 -4.21 -8.71
CA GLU A 429 -22.58 -5.57 -8.88
C GLU A 429 -22.60 -6.27 -7.52
N PRO A 430 -23.54 -5.91 -6.65
CA PRO A 430 -23.70 -6.66 -5.40
C PRO A 430 -24.20 -8.07 -5.68
N MSE A 431 -23.85 -8.97 -4.76
CA MSE A 431 -24.18 -10.38 -4.91
C MSE A 431 -23.89 -11.08 -3.58
O MSE A 431 -23.29 -10.47 -2.70
CB MSE A 431 -23.37 -11.01 -6.06
CG MSE A 431 -21.89 -11.15 -5.78
SE MSE A 431 -20.94 -11.79 -7.36
CE MSE A 431 -21.17 -10.21 -8.49
N PRO A 432 -24.32 -12.34 -3.43
CA PRO A 432 -23.96 -13.06 -2.21
C PRO A 432 -22.46 -13.24 -2.11
N MSE A 433 -21.96 -13.25 -0.88
CA MSE A 433 -20.53 -13.44 -0.63
C MSE A 433 -20.06 -14.77 -1.18
O MSE A 433 -18.92 -14.91 -1.62
CB MSE A 433 -20.24 -13.36 0.88
CG MSE A 433 -20.13 -11.93 1.42
SE MSE A 433 -19.85 -11.87 3.34
CE MSE A 433 -18.37 -13.13 3.47
N THR A 434 -20.96 -15.77 -1.17
CA THR A 434 -20.64 -17.11 -1.64
C THR A 434 -20.46 -17.19 -3.15
N GLN A 435 -20.78 -16.13 -3.89
CA GLN A 435 -20.67 -16.13 -5.34
C GLN A 435 -19.43 -15.40 -5.84
N VAL A 436 -18.64 -14.80 -4.94
CA VAL A 436 -17.56 -13.93 -5.38
C VAL A 436 -16.48 -14.72 -6.10
N ALA A 437 -16.06 -15.85 -5.54
CA ALA A 437 -15.01 -16.65 -6.18
C ALA A 437 -15.46 -17.13 -7.56
N ALA A 438 -16.71 -17.58 -7.67
CA ALA A 438 -17.23 -17.98 -8.97
C ALA A 438 -17.25 -16.81 -9.95
N ARG A 439 -17.54 -15.61 -9.46
CA ARG A 439 -17.55 -14.44 -10.32
C ARG A 439 -16.17 -14.14 -10.86
N MSE A 440 -15.13 -14.34 -10.05
CA MSE A 440 -13.76 -14.13 -10.51
C MSE A 440 -13.37 -15.18 -11.55
O MSE A 440 -12.63 -14.90 -12.50
CB MSE A 440 -12.78 -14.16 -9.33
CG MSE A 440 -12.88 -12.97 -8.37
SE MSE A 440 -12.55 -11.27 -9.25
CE MSE A 440 -14.37 -10.60 -9.34
N MSE A 441 -13.88 -16.40 -11.38
CA MSE A 441 -13.61 -17.49 -12.32
C MSE A 441 -14.25 -17.23 -13.67
O MSE A 441 -13.71 -17.65 -14.70
CB MSE A 441 -14.12 -18.83 -11.75
CG MSE A 441 -13.26 -19.43 -10.65
SE MSE A 441 -11.51 -20.02 -11.28
CE MSE A 441 -12.07 -21.54 -12.38
N LYS A 442 -15.39 -16.54 -13.66
CA LYS A 442 -16.17 -16.27 -14.86
C LYS A 442 -15.87 -14.90 -15.46
N PHE A 443 -14.94 -14.15 -14.86
CA PHE A 443 -14.61 -12.80 -15.30
C PHE A 443 -14.19 -12.78 -16.77
N ASP A 444 -14.81 -11.87 -17.53
CA ASP A 444 -14.58 -11.74 -18.96
C ASP A 444 -13.67 -10.55 -19.21
N PHE A 445 -12.48 -10.80 -19.76
CA PHE A 445 -11.48 -9.75 -19.87
C PHE A 445 -11.70 -8.81 -21.06
N ASP A 446 -12.71 -9.08 -21.88
CA ASP A 446 -13.12 -8.12 -22.92
C ASP A 446 -14.26 -7.22 -22.48
N ILE A 447 -15.03 -7.62 -21.47
CA ILE A 447 -16.22 -6.90 -21.06
C ILE A 447 -16.06 -6.30 -19.67
N ASP A 448 -15.67 -7.12 -18.69
CA ASP A 448 -15.62 -6.64 -17.31
C ASP A 448 -14.59 -5.55 -17.06
N PRO A 449 -13.37 -5.60 -17.60
CA PRO A 449 -12.42 -4.50 -17.34
C PRO A 449 -12.90 -3.13 -17.77
N LEU A 450 -13.84 -3.06 -18.72
CA LEU A 450 -14.32 -1.76 -19.18
C LEU A 450 -15.15 -1.06 -18.11
N LYS A 451 -15.62 -1.77 -17.10
CA LYS A 451 -16.53 -1.21 -16.12
C LYS A 451 -15.86 -0.23 -15.16
N ILE A 452 -14.53 -0.22 -15.10
CA ILE A 452 -13.83 0.78 -14.27
C ILE A 452 -13.69 2.11 -14.99
N TRP A 453 -14.07 2.18 -16.27
CA TRP A 453 -14.07 3.42 -17.03
C TRP A 453 -15.48 3.92 -17.31
N ALA A 454 -16.50 3.19 -16.87
CA ALA A 454 -17.88 3.47 -17.23
C ALA A 454 -18.54 4.40 -16.21
N THR A 455 -19.58 5.09 -16.67
CA THR A 455 -20.51 5.81 -15.81
C THR A 455 -21.91 5.27 -16.08
N SER A 456 -22.79 5.40 -15.09
CA SER A 456 -24.11 4.82 -15.22
C SER A 456 -25.06 5.45 -14.20
N GLY A 457 -26.19 5.97 -14.70
CA GLY A 457 -27.19 6.52 -13.80
C GLY A 457 -26.63 7.64 -12.94
N GLN A 458 -26.81 7.51 -11.63
CA GLN A 458 -26.30 8.51 -10.69
C GLN A 458 -24.80 8.39 -10.45
N PHE A 459 -24.16 7.33 -10.95
CA PHE A 459 -22.70 7.21 -10.87
C PHE A 459 -22.13 7.99 -12.06
N THR A 460 -21.89 9.28 -11.82
CA THR A 460 -21.50 10.20 -12.89
C THR A 460 -19.99 10.29 -13.10
N GLN A 461 -19.19 9.64 -12.25
CA GLN A 461 -17.76 9.50 -12.47
C GLN A 461 -17.42 8.01 -12.47
N SER A 462 -16.43 7.64 -13.27
CA SER A 462 -15.95 6.26 -13.23
C SER A 462 -15.01 6.08 -12.04
N SER A 463 -14.79 4.82 -11.66
CA SER A 463 -13.91 4.58 -10.51
C SER A 463 -12.48 4.99 -10.81
N MSE A 464 -12.05 4.90 -12.07
CA MSE A 464 -10.73 5.41 -12.41
C MSE A 464 -10.71 6.94 -12.28
O MSE A 464 -9.67 7.52 -11.98
CB MSE A 464 -10.31 4.96 -13.81
CG MSE A 464 -9.78 3.53 -13.89
SE MSE A 464 -8.19 3.14 -12.80
CE MSE A 464 -6.88 4.27 -13.71
N ASP A 465 -11.86 7.57 -12.51
CA ASP A 465 -11.97 9.02 -12.34
C ASP A 465 -11.74 9.43 -10.88
N TRP A 466 -12.47 8.81 -9.95
CA TRP A 466 -12.39 9.28 -8.56
C TRP A 466 -11.31 8.58 -7.75
N HIS A 467 -10.95 7.34 -8.09
CA HIS A 467 -9.96 6.61 -7.30
C HIS A 467 -8.57 6.61 -7.94
N GLY A 468 -8.49 6.64 -9.27
CA GLY A 468 -7.20 6.61 -9.92
C GLY A 468 -6.39 7.86 -9.65
N ALA A 469 -5.07 7.70 -9.64
CA ALA A 469 -4.14 8.81 -9.43
C ALA A 469 -2.95 8.60 -10.38
N THR A 470 -3.19 8.77 -11.67
CA THR A 470 -2.22 8.43 -12.70
C THR A 470 -1.60 9.66 -13.36
N SER A 471 -1.90 10.86 -12.88
CA SER A 471 -1.38 12.06 -13.50
C SER A 471 0.09 12.26 -13.18
N THR A 472 0.88 12.63 -14.20
CA THR A 472 2.26 13.01 -14.01
C THR A 472 2.46 14.52 -14.04
N ASP A 473 1.37 15.29 -13.97
CA ASP A 473 1.45 16.75 -13.94
C ASP A 473 1.59 17.19 -12.49
N LEU A 474 2.83 17.17 -12.01
CA LEU A 474 3.16 17.59 -10.65
C LEU A 474 3.86 18.94 -10.63
N ALA A 475 3.70 19.75 -11.69
CA ALA A 475 4.38 21.03 -11.77
C ALA A 475 3.98 21.93 -10.61
N ALA A 476 2.67 22.01 -10.30
CA ALA A 476 2.21 22.85 -9.20
C ALA A 476 2.79 22.39 -7.88
N PHE A 477 2.80 21.07 -7.65
CA PHE A 477 3.38 20.53 -6.41
C PHE A 477 4.86 20.86 -6.32
N ARG A 478 5.61 20.61 -7.39
CA ARG A 478 7.05 20.85 -7.38
C ARG A 478 7.37 22.33 -7.23
N ASP A 479 6.63 23.20 -7.94
CA ASP A 479 6.99 24.61 -7.99
C ASP A 479 6.79 25.33 -6.66
N ARG A 480 5.91 24.82 -5.79
CA ARG A 480 5.72 25.42 -4.47
C ARG A 480 6.60 24.78 -3.41
N GLY A 481 7.56 23.95 -3.81
CA GLY A 481 8.49 23.34 -2.88
C GLY A 481 8.14 21.95 -2.41
N GLY A 482 7.13 21.32 -2.98
CA GLY A 482 6.71 20.02 -2.51
C GLY A 482 7.72 18.93 -2.85
N LYS A 483 7.84 17.97 -1.93
CA LYS A 483 8.74 16.84 -2.08
C LYS A 483 7.97 15.55 -1.83
N MSE A 484 8.26 14.54 -2.63
CA MSE A 484 7.57 13.26 -2.50
C MSE A 484 8.53 12.09 -2.46
O MSE A 484 9.42 11.99 -3.31
CB MSE A 484 6.56 13.07 -3.62
CG MSE A 484 5.72 11.82 -3.48
SE MSE A 484 4.19 11.78 -4.70
CE MSE A 484 5.17 11.45 -6.37
N ILE A 485 8.37 11.21 -1.48
CA ILE A 485 9.13 9.97 -1.40
C ILE A 485 8.16 8.83 -1.65
N LEU A 486 8.41 8.05 -2.70
CA LEU A 486 7.68 6.83 -2.95
C LEU A 486 8.53 5.64 -2.50
N TYR A 487 7.88 4.59 -2.04
CA TYR A 487 8.57 3.34 -1.77
C TYR A 487 7.63 2.18 -2.07
N HIS A 488 8.22 1.02 -2.34
CA HIS A 488 7.42 -0.14 -2.75
C HIS A 488 8.25 -1.40 -2.56
N GLY A 489 7.66 -2.42 -1.95
CA GLY A 489 8.35 -3.70 -1.79
C GLY A 489 8.27 -4.52 -3.07
N MSE A 490 9.41 -5.13 -3.41
CA MSE A 490 9.51 -5.87 -4.67
C MSE A 490 8.60 -7.10 -4.70
O MSE A 490 8.11 -7.48 -5.77
CB MSE A 490 10.97 -6.32 -4.92
CG MSE A 490 11.92 -5.20 -5.31
SE MSE A 490 11.42 -4.15 -6.88
CE MSE A 490 10.82 -5.55 -8.05
N SER A 491 8.35 -7.71 -3.54
CA SER A 491 7.48 -8.86 -3.44
C SER A 491 6.08 -8.51 -2.96
N ASP A 492 5.61 -7.32 -3.33
CA ASP A 492 4.24 -6.89 -3.08
C ASP A 492 3.31 -7.56 -4.07
N ALA A 493 2.34 -8.34 -3.56
CA ALA A 493 1.35 -9.00 -4.41
C ALA A 493 0.04 -8.24 -4.46
N ALA A 494 -0.09 -7.14 -3.72
CA ALA A 494 -1.28 -6.31 -3.83
C ALA A 494 -1.19 -5.37 -5.04
N PHE A 495 -0.09 -4.62 -5.12
CA PHE A 495 0.19 -3.71 -6.22
C PHE A 495 1.60 -3.98 -6.73
N SER A 496 1.79 -3.91 -8.04
CA SER A 496 3.06 -4.30 -8.65
C SER A 496 4.10 -3.20 -8.47
N ALA A 497 5.22 -3.54 -7.84
CA ALA A 497 6.32 -2.58 -7.72
C ALA A 497 6.78 -2.09 -9.10
N LEU A 498 6.74 -2.97 -10.10
CA LEU A 498 7.12 -2.55 -11.44
C LEU A 498 6.14 -1.51 -11.99
N ASP A 499 4.88 -1.54 -11.56
CA ASP A 499 3.94 -0.52 -12.02
C ASP A 499 4.22 0.83 -11.38
N THR A 500 4.61 0.86 -10.11
CA THR A 500 5.06 2.11 -9.52
C THR A 500 6.30 2.62 -10.23
N ALA A 501 7.24 1.72 -10.56
CA ALA A 501 8.42 2.14 -11.29
C ALA A 501 8.06 2.74 -12.64
N ASP A 502 7.06 2.18 -13.31
CA ASP A 502 6.64 2.72 -14.61
C ASP A 502 6.03 4.11 -14.47
N TYR A 503 5.25 4.34 -13.41
CA TYR A 503 4.77 5.70 -13.15
C TYR A 503 5.95 6.65 -12.96
N TYR A 504 6.94 6.23 -12.17
CA TYR A 504 8.07 7.11 -11.89
C TYR A 504 8.85 7.42 -13.15
N GLU A 505 8.98 6.44 -14.06
CA GLU A 505 9.62 6.70 -15.34
C GLU A 505 8.83 7.71 -16.16
N ARG A 506 7.50 7.57 -16.19
CA ARG A 506 6.66 8.55 -16.88
C ARG A 506 6.80 9.93 -16.25
N LEU A 507 6.89 9.98 -14.92
CA LEU A 507 7.06 11.26 -14.24
C LEU A 507 8.36 11.94 -14.67
N GLY A 508 9.46 11.21 -14.69
CA GLY A 508 10.72 11.77 -15.13
C GLY A 508 10.70 12.21 -16.57
N ALA A 509 9.96 11.50 -17.43
CA ALA A 509 9.86 11.89 -18.83
C ALA A 509 9.04 13.15 -19.00
N ALA A 510 7.98 13.31 -18.20
CA ALA A 510 7.17 14.52 -18.29
C ALA A 510 7.88 15.72 -17.66
N MSE A 511 8.75 15.48 -16.68
CA MSE A 511 9.42 16.55 -15.96
C MSE A 511 10.90 16.25 -15.76
O MSE A 511 11.27 15.45 -14.90
CB MSE A 511 8.74 16.78 -14.60
CG MSE A 511 7.23 17.01 -14.71
SE MSE A 511 6.30 16.94 -13.00
CE MSE A 511 7.00 18.56 -12.19
N PRO A 512 11.74 16.91 -16.55
CA PRO A 512 13.19 16.73 -16.39
C PRO A 512 13.66 17.21 -15.03
N GLY A 513 14.62 16.50 -14.46
CA GLY A 513 15.08 16.79 -13.12
C GLY A 513 14.11 16.37 -12.03
N ALA A 514 13.28 15.36 -12.30
CA ALA A 514 12.24 14.95 -11.35
C ALA A 514 12.84 14.49 -10.02
N ALA A 515 14.06 13.95 -10.05
CA ALA A 515 14.71 13.52 -8.82
C ALA A 515 14.99 14.67 -7.85
N GLY A 516 14.89 15.92 -8.33
CA GLY A 516 15.02 17.06 -7.43
C GLY A 516 13.84 17.24 -6.50
N PHE A 517 12.70 16.61 -6.80
CA PHE A 517 11.54 16.72 -5.91
C PHE A 517 10.81 15.41 -5.66
N ALA A 518 11.09 14.34 -6.39
CA ALA A 518 10.40 13.07 -6.20
C ALA A 518 11.37 11.93 -6.43
N ARG A 519 11.43 10.99 -5.49
CA ARG A 519 12.32 9.85 -5.59
C ARG A 519 11.59 8.60 -5.17
N LEU A 520 12.00 7.48 -5.75
CA LEU A 520 11.36 6.18 -5.54
C LEU A 520 12.37 5.21 -4.94
N PHE A 521 11.97 4.54 -3.86
CA PHE A 521 12.82 3.58 -3.16
C PHE A 521 12.16 2.21 -3.20
N LEU A 522 12.63 1.35 -4.09
CA LEU A 522 12.14 -0.02 -4.13
C LEU A 522 12.87 -0.86 -3.09
N VAL A 523 12.16 -1.80 -2.48
CA VAL A 523 12.71 -2.58 -1.38
C VAL A 523 12.72 -4.05 -1.77
N PRO A 524 13.88 -4.63 -2.09
CA PRO A 524 13.93 -6.05 -2.43
C PRO A 524 13.46 -6.92 -1.27
N GLY A 525 12.71 -7.96 -1.61
CA GLY A 525 12.27 -8.95 -0.64
C GLY A 525 11.05 -8.57 0.16
N MSE A 526 10.67 -7.29 0.18
CA MSE A 526 9.56 -6.84 1.02
C MSE A 526 8.21 -7.11 0.39
O MSE A 526 8.02 -6.96 -0.82
CB MSE A 526 9.70 -5.34 1.33
CG MSE A 526 8.62 -4.83 2.27
SE MSE A 526 8.88 -2.96 2.81
CE MSE A 526 7.87 -2.07 1.39
N ASN A 527 7.25 -7.50 1.23
CA ASN A 527 5.87 -7.72 0.80
C ASN A 527 5.08 -6.42 0.84
N HIS A 528 3.77 -6.49 1.02
CA HIS A 528 2.92 -5.29 0.93
C HIS A 528 3.07 -4.46 2.20
N CYS A 529 3.76 -3.33 2.08
CA CYS A 529 3.99 -2.33 3.13
C CYS A 529 4.90 -2.82 4.25
N SER A 530 5.03 -4.13 4.44
CA SER A 530 5.88 -4.66 5.51
C SER A 530 6.13 -6.14 5.25
N GLY A 531 7.08 -6.69 6.00
CA GLY A 531 7.31 -8.12 6.03
C GLY A 531 8.17 -8.61 4.89
N GLY A 532 8.59 -9.87 5.01
CA GLY A 532 9.34 -10.54 3.97
C GLY A 532 10.84 -10.52 4.21
N PRO A 533 11.57 -11.31 3.43
CA PRO A 533 13.04 -11.35 3.53
C PRO A 533 13.69 -10.13 2.90
N GLY A 534 13.59 -9.00 3.60
CA GLY A 534 14.16 -7.76 3.15
C GLY A 534 14.25 -6.79 4.31
N THR A 535 14.80 -5.61 4.02
CA THR A 535 14.93 -4.55 5.03
C THR A 535 13.69 -3.68 4.97
N ASP A 536 12.65 -4.11 5.67
CA ASP A 536 11.31 -3.54 5.54
C ASP A 536 11.01 -2.47 6.58
N ARG A 537 11.94 -2.14 7.48
CA ARG A 537 11.70 -1.16 8.52
C ARG A 537 12.59 0.06 8.29
N PHE A 538 12.01 1.25 8.47
CA PHE A 538 12.68 2.50 8.12
C PHE A 538 11.85 3.66 8.65
N ASP A 539 12.53 4.78 8.87
CA ASP A 539 11.92 6.03 9.32
C ASP A 539 11.83 6.95 8.10
N MSE A 540 10.63 7.09 7.55
CA MSE A 540 10.42 7.90 6.36
C MSE A 540 10.20 9.38 6.70
O MSE A 540 10.36 10.25 5.85
CB MSE A 540 9.22 7.38 5.57
CG MSE A 540 9.50 6.12 4.76
SE MSE A 540 10.71 6.49 3.28
CE MSE A 540 11.11 4.66 2.71
N LEU A 541 9.81 9.66 7.95
CA LEU A 541 9.47 11.03 8.30
C LEU A 541 10.71 11.91 8.43
N THR A 542 11.79 11.39 9.02
CA THR A 542 13.00 12.20 9.18
C THR A 542 13.57 12.66 7.85
N PRO A 543 13.78 11.80 6.85
CA PRO A 543 14.27 12.32 5.56
C PRO A 543 13.27 13.21 4.84
N LEU A 544 11.97 12.97 5.03
CA LEU A 544 10.98 13.84 4.38
C LEU A 544 11.09 15.26 4.90
N VAL A 545 11.19 15.44 6.21
CA VAL A 545 11.34 16.76 6.80
C VAL A 545 12.64 17.40 6.32
N ALA A 546 13.71 16.62 6.23
CA ALA A 546 15.00 17.15 5.80
C ALA A 546 14.94 17.66 4.37
N TRP A 547 14.22 16.94 3.50
CA TRP A 547 14.09 17.37 2.11
C TRP A 547 13.27 18.65 2.01
N VAL A 548 12.13 18.69 2.69
CA VAL A 548 11.21 19.81 2.57
C VAL A 548 11.81 21.07 3.19
N GLU A 549 12.44 20.95 4.35
CA GLU A 549 12.82 22.13 5.13
C GLU A 549 14.28 22.53 4.95
N ARG A 550 15.15 21.61 4.54
CA ARG A 550 16.56 21.93 4.35
C ARG A 550 17.05 21.61 2.94
N GLY A 551 16.17 21.20 2.04
CA GLY A 551 16.56 20.90 0.68
C GLY A 551 17.49 19.71 0.54
N GLU A 552 17.57 18.86 1.56
CA GLU A 552 18.49 17.72 1.56
C GLU A 552 17.75 16.52 0.97
N ALA A 553 18.01 16.24 -0.31
CA ALA A 553 17.37 15.11 -0.95
C ALA A 553 17.94 13.81 -0.39
N PRO A 554 17.12 12.77 -0.26
CA PRO A 554 17.61 11.49 0.28
C PRO A 554 18.38 10.73 -0.79
N ASP A 555 19.71 10.73 -0.68
CA ASP A 555 20.54 9.93 -1.57
C ASP A 555 20.54 8.46 -1.18
N GLN A 556 20.08 8.17 0.03
CA GLN A 556 19.85 6.82 0.52
C GLN A 556 18.98 6.96 1.75
N ILE A 557 18.31 5.86 2.10
CA ILE A 557 17.50 5.82 3.30
C ILE A 557 17.85 4.53 4.05
N SER A 558 18.28 4.68 5.30
CA SER A 558 18.66 3.52 6.11
C SER A 558 17.44 2.65 6.38
N ALA A 559 17.61 1.34 6.25
CA ALA A 559 16.55 0.40 6.55
C ALA A 559 17.13 -0.81 7.26
N TRP A 560 16.26 -1.53 7.97
CA TRP A 560 16.65 -2.77 8.63
C TRP A 560 15.53 -3.77 8.51
N SER A 561 15.87 -5.04 8.71
CA SER A 561 14.91 -6.13 8.54
C SER A 561 14.17 -6.39 9.85
N GLY A 562 12.84 -6.46 9.77
CA GLY A 562 12.03 -6.81 10.92
C GLY A 562 12.09 -8.28 11.28
N THR A 563 12.47 -9.13 10.33
CA THR A 563 12.63 -10.57 10.57
C THR A 563 13.98 -11.00 10.01
N PRO A 564 15.07 -10.64 10.68
CA PRO A 564 16.40 -11.01 10.17
C PRO A 564 16.64 -12.50 10.16
N GLY A 565 15.81 -13.29 10.84
CA GLY A 565 15.91 -14.75 10.79
C GLY A 565 15.71 -15.31 9.39
N TYR A 566 15.11 -14.55 8.48
CA TYR A 566 15.04 -14.98 7.09
C TYR A 566 16.42 -15.19 6.49
N PHE A 567 17.44 -14.54 7.04
CA PHE A 567 18.82 -14.69 6.60
C PHE A 567 19.67 -15.42 7.62
N GLY A 568 19.07 -15.92 8.70
CA GLY A 568 19.83 -16.60 9.73
C GLY A 568 20.71 -15.71 10.56
N VAL A 569 20.37 -14.41 10.69
CA VAL A 569 21.18 -13.46 11.43
C VAL A 569 20.31 -12.73 12.44
N ALA A 570 20.97 -12.06 13.38
CA ALA A 570 20.27 -11.32 14.43
C ALA A 570 19.83 -9.94 13.96
N ALA A 571 20.46 -9.40 12.91
CA ALA A 571 20.11 -8.09 12.40
C ALA A 571 20.71 -7.93 11.01
N ARG A 572 20.03 -7.17 10.17
CA ARG A 572 20.57 -6.79 8.86
C ARG A 572 20.09 -5.39 8.53
N THR A 573 21.04 -4.50 8.27
CA THR A 573 20.77 -3.13 7.87
C THR A 573 21.35 -2.88 6.49
N ARG A 574 20.62 -2.14 5.66
CA ARG A 574 20.98 -1.89 4.27
C ARG A 574 20.50 -0.50 3.88
N PRO A 575 21.14 0.13 2.92
CA PRO A 575 20.58 1.37 2.36
C PRO A 575 19.51 1.06 1.33
N LEU A 576 18.40 1.79 1.43
CA LEU A 576 17.46 1.89 0.32
C LEU A 576 17.97 2.95 -0.65
N CYS A 577 17.84 2.66 -1.94
CA CYS A 577 18.50 3.51 -2.92
C CYS A 577 17.49 4.16 -3.85
N PRO A 578 17.72 5.42 -4.26
CA PRO A 578 16.77 6.08 -5.15
C PRO A 578 16.83 5.49 -6.55
N TYR A 579 15.65 5.18 -7.09
CA TYR A 579 15.52 4.60 -8.42
C TYR A 579 16.29 5.44 -9.45
N PRO A 580 17.05 4.81 -10.36
CA PRO A 580 17.18 3.36 -10.56
C PRO A 580 18.37 2.70 -9.86
N GLN A 581 18.92 3.35 -8.84
CA GLN A 581 20.09 2.80 -8.17
C GLN A 581 19.71 1.59 -7.30
N ILE A 582 20.72 0.79 -6.98
CA ILE A 582 20.57 -0.39 -6.13
C ILE A 582 21.74 -0.43 -5.16
N ALA A 583 21.59 -1.24 -4.12
CA ALA A 583 22.63 -1.35 -3.10
C ALA A 583 23.80 -2.16 -3.63
N ARG A 584 25.02 -1.67 -3.41
CA ARG A 584 26.24 -2.32 -3.87
C ARG A 584 27.18 -2.55 -2.70
N TYR A 585 27.54 -3.81 -2.48
CA TYR A 585 28.48 -4.18 -1.43
C TYR A 585 29.88 -3.66 -1.77
N LYS A 586 30.57 -3.15 -0.75
CA LYS A 586 31.89 -2.55 -0.97
C LYS A 586 32.99 -3.59 -1.15
N GLY A 587 32.71 -4.86 -0.90
CA GLY A 587 33.65 -5.93 -1.19
C GLY A 587 34.25 -6.61 0.03
N SER A 588 34.11 -6.03 1.22
CA SER A 588 34.66 -6.64 2.42
C SER A 588 33.85 -6.17 3.62
N GLY A 589 33.93 -6.95 4.70
CA GLY A 589 33.23 -6.64 5.92
C GLY A 589 31.88 -7.32 6.03
N ASP A 590 31.29 -7.23 7.21
CA ASP A 590 29.99 -7.83 7.52
C ASP A 590 28.95 -7.42 6.48
N ILE A 591 28.34 -8.42 5.82
CA ILE A 591 27.33 -8.15 4.81
C ILE A 591 25.99 -7.75 5.41
N ASN A 592 25.87 -7.76 6.74
CA ASN A 592 24.65 -7.37 7.42
C ASN A 592 24.71 -5.94 7.97
N THR A 593 25.74 -5.19 7.60
CA THR A 593 25.96 -3.84 8.12
C THR A 593 25.85 -2.83 7.00
N GLU A 594 24.98 -1.83 7.18
CA GLU A 594 24.73 -0.84 6.13
C GLU A 594 25.99 -0.09 5.73
N ALA A 595 26.94 0.10 6.65
CA ALA A 595 28.14 0.86 6.35
C ALA A 595 28.99 0.22 5.26
N ASN A 596 28.81 -1.06 4.99
CA ASN A 596 29.57 -1.74 3.94
C ASN A 596 28.84 -1.75 2.61
N PHE A 597 27.84 -0.89 2.43
CA PHE A 597 27.10 -0.81 1.18
C PHE A 597 27.00 0.64 0.75
N ALA A 598 26.83 0.84 -0.55
CA ALA A 598 26.61 2.16 -1.12
C ALA A 598 25.61 2.03 -2.26
N CYS A 599 24.91 3.12 -2.55
CA CYS A 599 23.97 3.14 -3.65
C CYS A 599 24.71 3.38 -4.96
N ALA A 600 24.35 2.63 -5.99
CA ALA A 600 25.05 2.72 -7.26
C ALA A 600 24.15 2.21 -8.38
N ALA A 601 24.53 2.55 -9.60
CA ALA A 601 23.87 1.99 -10.75
C ALA A 601 24.11 0.47 -10.78
N PRO A 602 23.19 -0.29 -11.38
CA PRO A 602 23.40 -1.74 -11.46
C PRO A 602 24.62 -2.03 -12.33
N PRO A 603 25.27 -3.18 -12.10
CA PRO A 603 26.48 -3.60 -12.85
C PRO A 603 26.31 -3.53 -14.36
C BEZ B . -7.43 -4.08 -3.20
O1 BEZ B . -6.96 -4.99 -3.91
O2 BEZ B . -8.62 -3.72 -3.36
C1 BEZ B . -6.59 -3.43 -2.14
C2 BEZ B . -5.36 -3.97 -1.83
C3 BEZ B . -4.59 -3.37 -0.84
C4 BEZ B . -5.06 -2.24 -0.19
C5 BEZ B . -6.29 -1.70 -0.51
C6 BEZ B . -7.06 -2.31 -1.49
CA CA C . 22.33 -10.40 -3.68
#